data_7HDY
#
_entry.id   7HDY
#
_cell.length_a   88.719
_cell.length_b   88.719
_cell.length_c   39.544
_cell.angle_alpha   90.000
_cell.angle_beta   90.000
_cell.angle_gamma   90.000
#
_symmetry.space_group_name_H-M   'P 43'
#
loop_
_entity.id
_entity.type
_entity.pdbx_description
1 polymer 'Non-structural protein 3'
2 non-polymer 'trifluoroacetic acid'
3 non-polymer (2R)-3-(1H-indol-3-yl)-2-[(7H-pyrrolo[2,3-d]pyrimidin-4-yl)amino]propan-1-ol
4 non-polymer (2S)-3-(1H-indol-3-yl)-2-[(7H-pyrrolo[2,3-d]pyrimidin-4-yl)amino]propan-1-ol
5 water water
#
_entity_poly.entity_id   1
_entity_poly.type   'polypeptide(L)'
_entity_poly.pdbx_seq_one_letter_code
;SMVNSFSGYLKLTDNVYIKNADIVEEAKKVKPTVVVNAANVYLKHGGGVAGALNKATNNAMQVESDDYIATNGPLKVGGS
CVLSGHNLAKHCLHVVGPNVNKGEDIQLLKSAYENFNQHEVLLAPLLSAGIFGADPIHSLRVCVDTVRTNVYLAVFDKNL
YDKLVSSFL
;
_entity_poly.pdbx_strand_id   A,B
#
loop_
_chem_comp.id
_chem_comp.type
_chem_comp.name
_chem_comp.formula
A1A87 non-polymer (2R)-3-(1H-indol-3-yl)-2-[(7H-pyrrolo[2,3-d]pyrimidin-4-yl)amino]propan-1-ol 'C17 H17 N5 O'
A1A88 non-polymer (2S)-3-(1H-indol-3-yl)-2-[(7H-pyrrolo[2,3-d]pyrimidin-4-yl)amino]propan-1-ol 'C17 H17 N5 O'
TFA non-polymer 'trifluoroacetic acid' 'C2 H F3 O2'
#
# COMPACT_ATOMS: atom_id res chain seq x y z
N VAL A 3 -1.69 21.86 10.42
CA VAL A 3 -2.23 21.58 11.75
C VAL A 3 -3.44 20.67 11.63
N ASN A 4 -3.50 19.64 12.48
CA ASN A 4 -4.64 18.73 12.56
C ASN A 4 -5.04 18.58 14.02
N SER A 5 -6.12 17.81 14.23
CA SER A 5 -6.75 17.72 15.54
C SER A 5 -6.30 16.51 16.36
N PHE A 6 -5.26 15.81 15.92
CA PHE A 6 -4.72 14.71 16.72
C PHE A 6 -3.98 15.27 17.93
N SER A 7 -4.25 14.71 19.11
CA SER A 7 -3.78 15.29 20.37
C SER A 7 -3.10 14.24 21.23
N GLY A 8 -1.99 14.63 21.87
N GLY A 8 -2.14 14.69 22.03
CA GLY A 8 -1.32 13.75 22.82
CA GLY A 8 -1.45 13.83 22.96
C GLY A 8 -0.44 12.67 22.24
C GLY A 8 -0.50 12.85 22.32
N TYR A 9 0.00 12.80 20.99
N TYR A 9 -0.32 12.92 21.00
CA TYR A 9 0.88 11.83 20.37
CA TYR A 9 0.54 11.98 20.30
C TYR A 9 2.35 12.16 20.63
C TYR A 9 2.01 12.32 20.53
N LEU A 10 3.16 11.11 20.73
N LEU A 10 2.77 11.31 20.95
CA LEU A 10 4.60 11.24 20.71
CA LEU A 10 4.21 11.43 20.99
C LEU A 10 5.08 11.21 19.26
C LEU A 10 4.76 11.38 19.56
N LYS A 11 5.99 12.12 18.92
N LYS A 11 5.60 12.34 19.22
CA LYS A 11 6.53 12.20 17.56
CA LYS A 11 6.18 12.39 17.89
C LYS A 11 7.72 11.25 17.46
C LYS A 11 7.33 11.39 17.81
N LEU A 12 7.64 10.27 16.57
N LEU A 12 7.26 10.46 16.88
CA LEU A 12 8.76 9.36 16.39
CA LEU A 12 8.33 9.48 16.70
C LEU A 12 9.71 9.82 15.29
C LEU A 12 9.32 9.89 15.61
N THR A 13 9.16 10.30 14.18
N THR A 13 8.82 10.35 14.48
CA THR A 13 9.94 10.75 13.03
CA THR A 13 9.65 10.80 13.37
C THR A 13 9.24 11.97 12.43
C THR A 13 9.01 12.04 12.77
N ASP A 14 9.74 12.42 11.28
N ASP A 14 9.58 12.47 11.64
CA ASP A 14 9.11 13.54 10.59
CA ASP A 14 9.00 13.56 10.87
C ASP A 14 7.61 13.32 10.37
C ASP A 14 7.53 13.31 10.58
N ASN A 15 7.18 12.07 10.19
CA ASN A 15 5.82 11.79 9.73
C ASN A 15 5.06 10.75 10.54
N VAL A 16 5.67 10.13 11.55
CA VAL A 16 5.03 9.07 12.33
C VAL A 16 4.88 9.51 13.78
N TYR A 17 3.67 9.37 14.29
N TYR A 17 3.67 9.32 14.33
CA TYR A 17 3.29 9.70 15.64
CA TYR A 17 3.25 9.77 15.65
C TYR A 17 2.67 8.47 16.30
C TYR A 17 2.50 8.64 16.34
N ILE A 18 2.74 8.37 17.62
N ILE A 18 2.53 8.60 17.68
CA ILE A 18 2.28 7.18 18.33
CA ILE A 18 1.96 7.47 18.43
C ILE A 18 1.65 7.57 19.67
C ILE A 18 1.27 7.92 19.71
N LYS A 19 0.65 6.80 20.08
N LYS A 19 0.18 7.21 20.07
CA LYS A 19 -0.10 7.09 21.30
CA LYS A 19 -0.59 7.50 21.27
C LYS A 19 -0.70 5.78 21.84
C LYS A 19 -1.12 6.19 21.86
N ASN A 20 -0.79 5.68 23.16
N ASN A 20 -1.16 6.13 23.19
CA ASN A 20 -1.54 4.59 23.80
CA ASN A 20 -1.73 4.98 23.91
C ASN A 20 -3.02 4.98 23.77
C ASN A 20 -3.24 5.17 23.97
N ALA A 21 -3.79 4.33 22.90
N ALA A 21 -3.94 4.64 22.97
CA ALA A 21 -5.18 4.73 22.74
CA ALA A 21 -5.39 4.79 22.91
C ALA A 21 -5.97 3.59 22.11
C ALA A 21 -5.99 3.72 22.03
N ASP A 22 -7.27 3.58 22.39
N ASP A 22 -7.26 3.41 22.29
CA ASP A 22 -8.23 2.72 21.73
CA ASP A 22 -8.05 2.56 21.40
C ASP A 22 -8.63 3.38 20.42
C ASP A 22 -8.30 3.31 20.09
N ILE A 23 -8.30 2.73 19.29
N ILE A 23 -7.99 2.67 18.97
CA ILE A 23 -8.52 3.34 17.98
CA ILE A 23 -8.20 3.32 17.67
C ILE A 23 -9.99 3.67 17.76
C ILE A 23 -9.67 3.68 17.48
N VAL A 24 -10.90 2.89 18.34
N VAL A 24 -10.56 2.87 18.05
CA VAL A 24 -12.33 3.19 18.23
CA VAL A 24 -12.00 3.18 17.98
C VAL A 24 -12.63 4.54 18.87
C VAL A 24 -12.30 4.47 18.71
N GLU A 25 -12.18 4.71 20.12
N GLU A 25 -11.68 4.68 19.87
CA GLU A 25 -12.44 5.97 20.81
CA GLU A 25 -11.90 5.91 20.63
C GLU A 25 -11.72 7.14 20.15
C GLU A 25 -11.24 7.11 19.96
N GLU A 26 -10.51 6.90 19.65
N GLU A 26 -10.04 6.93 19.41
CA GLU A 26 -9.78 7.95 18.93
CA GLU A 26 -9.43 7.99 18.61
C GLU A 26 -10.54 8.40 17.69
C GLU A 26 -10.29 8.34 17.42
N ALA A 27 -10.99 7.44 16.87
N ALA A 27 -10.96 7.35 16.82
CA ALA A 27 -11.71 7.79 15.65
CA ALA A 27 -11.78 7.61 15.65
C ALA A 27 -12.99 8.55 15.97
C ALA A 27 -13.00 8.45 16.02
N LYS A 28 -13.73 8.11 16.99
N LYS A 28 -13.72 8.07 17.09
CA LYS A 28 -14.95 8.82 17.37
CA LYS A 28 -14.93 8.79 17.46
C LYS A 28 -14.66 10.25 17.77
C LYS A 28 -14.63 10.23 17.85
N LYS A 29 -13.52 10.51 18.40
N LYS A 29 -13.47 10.50 18.42
CA LYS A 29 -13.18 11.87 18.82
CA LYS A 29 -13.13 11.85 18.86
C LYS A 29 -12.69 12.71 17.65
C LYS A 29 -12.66 12.71 17.69
N VAL A 30 -11.75 12.18 16.87
CA VAL A 30 -11.13 12.98 15.81
C VAL A 30 -11.99 13.03 14.54
N LYS A 31 -12.71 11.96 14.23
CA LYS A 31 -13.38 11.81 12.94
C LYS A 31 -12.39 12.06 11.80
N PRO A 32 -11.32 11.29 11.73
CA PRO A 32 -10.28 11.54 10.73
C PRO A 32 -10.80 11.28 9.33
N THR A 33 -10.08 11.81 8.36
CA THR A 33 -10.40 11.52 6.96
C THR A 33 -10.29 10.03 6.68
N VAL A 34 -9.27 9.37 7.24
CA VAL A 34 -9.02 7.95 7.01
C VAL A 34 -8.70 7.27 8.33
N VAL A 35 -9.47 6.24 8.67
CA VAL A 35 -9.08 5.27 9.69
C VAL A 35 -8.70 3.97 8.98
N VAL A 36 -7.59 3.37 9.41
CA VAL A 36 -7.15 2.10 8.86
C VAL A 36 -7.71 0.96 9.70
N ASN A 37 -8.30 -0.02 9.02
CA ASN A 37 -8.69 -1.28 9.63
C ASN A 37 -7.65 -2.34 9.36
N ALA A 38 -7.37 -3.13 10.40
CA ALA A 38 -6.54 -4.33 10.31
C ALA A 38 -7.42 -5.48 9.79
N ALA A 39 -7.60 -5.53 8.48
CA ALA A 39 -8.54 -6.42 7.83
C ALA A 39 -7.91 -7.75 7.48
N ASN A 40 -8.77 -8.72 7.17
CA ASN A 40 -8.37 -9.95 6.47
C ASN A 40 -8.94 -9.92 5.04
N VAL A 41 -8.51 -10.89 4.23
CA VAL A 41 -8.83 -10.84 2.81
C VAL A 41 -10.32 -10.97 2.54
N TYR A 42 -11.08 -11.55 3.48
CA TYR A 42 -12.51 -11.75 3.33
C TYR A 42 -13.31 -10.60 3.91
N LEU A 43 -12.64 -9.60 4.48
CA LEU A 43 -13.30 -8.52 5.21
C LEU A 43 -14.31 -9.05 6.23
N LYS A 44 -13.93 -10.12 6.92
CA LYS A 44 -14.72 -10.67 8.02
C LYS A 44 -14.20 -10.06 9.31
N HIS A 45 -14.94 -9.10 9.84
CA HIS A 45 -14.44 -8.27 10.93
C HIS A 45 -14.87 -8.87 12.27
N GLY A 46 -14.15 -9.91 12.68
N GLY A 46 -14.28 -10.03 12.58
CA GLY A 46 -14.56 -10.69 13.83
CA GLY A 46 -14.79 -10.83 13.68
C GLY A 46 -13.95 -10.27 15.15
C GLY A 46 -14.27 -10.43 15.03
N GLY A 47 -12.68 -9.88 15.15
N GLY A 47 -13.05 -9.90 15.09
CA GLY A 47 -11.97 -9.64 16.39
CA GLY A 47 -12.43 -9.55 16.35
C GLY A 47 -10.85 -8.65 16.17
C GLY A 47 -11.30 -8.59 16.13
N GLY A 48 -10.10 -8.41 17.25
N GLY A 48 -10.65 -8.23 17.23
CA GLY A 48 -9.03 -7.45 17.16
CA GLY A 48 -9.51 -7.34 17.18
C GLY A 48 -9.59 -6.08 16.81
C GLY A 48 -9.88 -5.94 16.75
N VAL A 49 -8.76 -5.30 16.11
N VAL A 49 -8.93 -5.29 16.08
CA VAL A 49 -9.19 -3.96 15.69
CA VAL A 49 -9.18 -3.96 15.51
C VAL A 49 -10.43 -4.05 14.81
C VAL A 49 -10.45 -3.98 14.65
N ALA A 50 -10.45 -5.00 13.87
N ALA A 50 -10.54 -4.97 13.77
CA ALA A 50 -11.56 -5.09 12.92
CA ALA A 50 -11.69 -5.02 12.85
C ALA A 50 -12.89 -5.34 13.64
C ALA A 50 -12.99 -5.28 13.60
N GLY A 51 -12.90 -6.30 14.57
N GLY A 51 -12.98 -6.27 14.49
CA GLY A 51 -14.13 -6.56 15.30
CA GLY A 51 -14.18 -6.53 15.28
C GLY A 51 -14.58 -5.34 16.09
C GLY A 51 -14.60 -5.33 16.10
N ALA A 52 -13.63 -4.61 16.67
CA ALA A 52 -13.96 -3.44 17.46
C ALA A 52 -14.49 -2.30 16.59
N LEU A 53 -13.83 -2.00 15.48
N LEU A 53 -13.82 -2.02 15.47
CA LEU A 53 -14.36 -0.98 14.57
CA LEU A 53 -14.28 -0.96 14.57
C LEU A 53 -15.75 -1.35 14.10
C LEU A 53 -15.67 -1.29 14.01
N ASN A 54 -15.92 -2.59 13.64
N ASN A 54 -15.90 -2.55 13.68
CA ASN A 54 -17.22 -2.98 13.10
CA ASN A 54 -17.20 -2.92 13.12
C ASN A 54 -18.31 -2.85 14.16
C ASN A 54 -18.30 -2.81 14.17
N LYS A 55 -18.03 -3.29 15.39
CA LYS A 55 -19.00 -3.17 16.47
C LYS A 55 -19.41 -1.72 16.67
N ALA A 56 -18.44 -0.80 16.60
CA ALA A 56 -18.73 0.62 16.78
C ALA A 56 -19.61 1.18 15.68
N THR A 57 -19.62 0.57 14.49
CA THR A 57 -20.52 0.95 13.41
C THR A 57 -21.86 0.22 13.46
N ASN A 58 -22.13 -0.52 14.52
CA ASN A 58 -23.39 -1.25 14.63
C ASN A 58 -23.54 -2.26 13.49
N ASN A 59 -22.43 -2.85 13.04
CA ASN A 59 -22.36 -3.86 11.99
C ASN A 59 -22.51 -3.29 10.58
N ALA A 60 -22.64 -1.97 10.42
CA ALA A 60 -22.74 -1.42 9.07
C ALA A 60 -21.48 -1.66 8.26
N MET A 61 -20.31 -1.63 8.90
CA MET A 61 -19.07 -1.94 8.21
C MET A 61 -19.11 -3.35 7.63
N GLN A 62 -19.61 -4.32 8.39
CA GLN A 62 -19.69 -5.70 7.89
C GLN A 62 -20.66 -5.81 6.72
N VAL A 63 -21.82 -5.16 6.82
CA VAL A 63 -22.81 -5.22 5.73
C VAL A 63 -22.20 -4.66 4.44
N GLU A 64 -21.56 -3.50 4.53
CA GLU A 64 -20.91 -2.91 3.37
C GLU A 64 -19.82 -3.83 2.83
N SER A 65 -19.04 -4.42 3.73
CA SER A 65 -17.93 -5.28 3.34
C SER A 65 -18.44 -6.54 2.62
N ASP A 66 -19.55 -7.11 3.09
CA ASP A 66 -20.07 -8.31 2.45
C ASP A 66 -20.48 -8.02 1.01
N ASP A 67 -21.07 -6.86 0.76
CA ASP A 67 -21.41 -6.46 -0.59
C ASP A 67 -20.14 -6.26 -1.43
N TYR A 68 -19.11 -5.64 -0.83
CA TYR A 68 -17.84 -5.47 -1.55
C TYR A 68 -17.26 -6.81 -2.00
N ILE A 69 -17.22 -7.79 -1.09
CA ILE A 69 -16.66 -9.09 -1.43
C ILE A 69 -17.52 -9.82 -2.46
N ALA A 70 -18.84 -9.74 -2.33
CA ALA A 70 -19.71 -10.39 -3.31
C ALA A 70 -19.46 -9.86 -4.71
N THR A 71 -19.11 -8.58 -4.83
CA THR A 71 -18.86 -7.98 -6.14
C THR A 71 -17.45 -8.24 -6.63
N ASN A 72 -16.46 -8.12 -5.74
CA ASN A 72 -15.06 -8.02 -6.14
C ASN A 72 -14.21 -9.22 -5.78
N GLY A 73 -14.68 -10.10 -4.91
CA GLY A 73 -13.86 -11.17 -4.41
C GLY A 73 -12.89 -10.69 -3.34
N PRO A 74 -12.13 -11.62 -2.78
CA PRO A 74 -11.24 -11.28 -1.67
C PRO A 74 -10.12 -10.34 -2.08
N LEU A 75 -9.62 -9.62 -1.08
CA LEU A 75 -8.40 -8.85 -1.23
C LEU A 75 -7.19 -9.79 -1.30
N LYS A 76 -6.05 -9.22 -1.64
CA LYS A 76 -4.75 -9.87 -1.54
C LYS A 76 -4.15 -9.59 -0.17
N VAL A 77 -3.39 -10.54 0.37
CA VAL A 77 -2.53 -10.23 1.50
C VAL A 77 -1.52 -9.19 1.05
N GLY A 78 -1.42 -8.09 1.80
CA GLY A 78 -0.65 -6.93 1.40
C GLY A 78 -1.46 -5.86 0.71
N GLY A 79 -2.72 -6.16 0.36
CA GLY A 79 -3.55 -5.24 -0.37
C GLY A 79 -4.53 -4.48 0.52
N SER A 80 -5.39 -3.70 -0.13
CA SER A 80 -6.30 -2.83 0.58
C SER A 80 -7.49 -2.47 -0.29
N CYS A 81 -8.52 -1.93 0.34
CA CYS A 81 -9.59 -1.25 -0.37
C CYS A 81 -10.09 -0.10 0.50
N VAL A 82 -10.64 0.93 -0.16
CA VAL A 82 -11.24 2.06 0.53
C VAL A 82 -12.75 1.87 0.56
N LEU A 83 -13.32 1.90 1.76
CA LEU A 83 -14.75 1.82 1.96
C LEU A 83 -15.17 2.98 2.87
N SER A 84 -16.45 3.02 3.21
CA SER A 84 -16.94 4.09 4.08
C SER A 84 -16.31 4.00 5.47
N GLY A 85 -16.12 5.16 6.09
CA GLY A 85 -15.77 5.21 7.50
C GLY A 85 -16.96 5.24 8.43
N HIS A 86 -18.17 5.23 7.90
CA HIS A 86 -19.40 5.16 8.70
C HIS A 86 -19.39 6.30 9.70
N ASN A 87 -19.68 6.04 10.96
CA ASN A 87 -19.73 7.07 12.00
C ASN A 87 -18.35 7.35 12.59
N LEU A 88 -17.29 6.73 12.10
CA LEU A 88 -15.98 6.82 12.73
C LEU A 88 -15.01 7.72 11.99
N ALA A 89 -15.17 7.88 10.69
CA ALA A 89 -14.21 8.58 9.83
C ALA A 89 -14.90 8.80 8.49
N LYS A 90 -14.31 9.65 7.66
CA LYS A 90 -14.85 9.77 6.31
C LYS A 90 -14.72 8.44 5.56
N HIS A 91 -13.51 7.88 5.56
CA HIS A 91 -13.20 6.65 4.86
C HIS A 91 -12.55 5.67 5.81
N CYS A 92 -12.72 4.38 5.52
CA CYS A 92 -11.94 3.32 6.14
C CYS A 92 -11.08 2.66 5.08
N LEU A 93 -9.76 2.69 5.30
CA LEU A 93 -8.82 1.95 4.46
C LEU A 93 -8.61 0.58 5.10
N HIS A 94 -9.21 -0.46 4.49
CA HIS A 94 -9.05 -1.82 4.97
C HIS A 94 -7.76 -2.36 4.40
N VAL A 95 -6.78 -2.65 5.26
CA VAL A 95 -5.46 -3.08 4.85
C VAL A 95 -5.20 -4.47 5.42
N VAL A 96 -4.75 -5.40 4.57
CA VAL A 96 -4.49 -6.77 4.98
C VAL A 96 -2.99 -6.94 5.19
N GLY A 97 -2.56 -6.97 6.45
CA GLY A 97 -1.23 -7.41 6.76
C GLY A 97 -1.18 -8.92 6.82
N PRO A 98 0.01 -9.52 6.70
N PRO A 98 0.01 -9.48 6.64
CA PRO A 98 0.11 -10.96 6.89
CA PRO A 98 0.16 -10.94 6.71
C PRO A 98 -0.27 -11.39 8.30
C PRO A 98 -0.09 -11.45 8.12
N ASN A 99 -1.01 -12.49 8.40
N ASN A 99 -0.68 -12.64 8.18
CA ASN A 99 -1.37 -13.11 9.68
CA ASN A 99 -1.02 -13.27 9.45
C ASN A 99 -0.43 -14.28 9.90
C ASN A 99 0.00 -14.36 9.75
N VAL A 100 0.57 -14.07 10.77
N VAL A 100 0.66 -14.25 10.90
CA VAL A 100 1.57 -15.09 11.04
CA VAL A 100 1.60 -15.29 11.33
C VAL A 100 0.94 -16.38 11.55
C VAL A 100 0.84 -16.52 11.81
N ASN A 101 -0.17 -16.27 12.28
N ASN A 101 -0.29 -16.31 12.48
CA ASN A 101 -0.88 -17.46 12.75
CA ASN A 101 -1.10 -17.44 12.91
C ASN A 101 -1.56 -18.23 11.62
C ASN A 101 -1.80 -18.15 11.75
N LYS A 102 -1.49 -17.73 10.38
N LYS A 102 -1.79 -17.55 10.55
CA LYS A 102 -1.91 -18.47 9.20
CA LYS A 102 -2.17 -18.23 9.33
C LYS A 102 -0.74 -18.87 8.31
C LYS A 102 -0.98 -18.71 8.51
N GLY A 103 0.50 -18.62 8.73
N GLY A 103 0.21 -18.19 8.79
CA GLY A 103 1.66 -18.96 7.95
CA GLY A 103 1.42 -18.65 8.12
C GLY A 103 2.02 -17.97 6.85
C GLY A 103 1.70 -17.91 6.82
N GLU A 104 1.45 -16.78 6.87
N GLU A 104 1.54 -16.59 6.83
CA GLU A 104 1.64 -15.83 5.78
CA GLU A 104 1.72 -15.76 5.65
C GLU A 104 2.98 -15.10 5.89
C GLU A 104 3.04 -14.99 5.73
N ASP A 105 3.52 -14.71 4.74
N ASP A 105 3.65 -14.81 4.56
CA ASP A 105 4.89 -14.22 4.64
CA ASP A 105 4.99 -14.22 4.46
C ASP A 105 5.01 -12.84 5.27
C ASP A 105 5.03 -12.85 5.15
N ILE A 106 5.82 -12.72 6.32
N ILE A 106 5.94 -12.71 6.12
CA ILE A 106 6.00 -11.45 7.00
CA ILE A 106 6.03 -11.47 6.87
C ILE A 106 6.57 -10.38 6.07
C ILE A 106 6.60 -10.34 6.03
N GLN A 107 7.27 -10.79 5.00
N GLN A 107 7.32 -10.64 4.95
CA GLN A 107 7.76 -9.83 4.03
CA GLN A 107 7.81 -9.59 4.07
C GLN A 107 6.64 -9.01 3.42
C GLN A 107 6.67 -8.83 3.41
N LEU A 108 5.41 -9.53 3.42
N LEU A 108 5.48 -9.44 3.33
CA LEU A 108 4.28 -8.79 2.87
CA LEU A 108 4.31 -8.74 2.83
C LEU A 108 3.87 -7.62 3.75
C LEU A 108 3.88 -7.60 3.74
N LEU A 109 4.44 -7.48 4.94
CA LEU A 109 4.09 -6.36 5.81
C LEU A 109 4.48 -5.03 5.16
N LYS A 110 5.63 -4.98 4.49
CA LYS A 110 6.01 -3.73 3.83
C LYS A 110 5.00 -3.36 2.74
N SER A 111 4.60 -4.34 1.92
CA SER A 111 3.57 -4.08 0.91
C SER A 111 2.30 -3.56 1.54
N ALA A 112 1.90 -4.12 2.68
CA ALA A 112 0.69 -3.66 3.36
C ALA A 112 0.81 -2.19 3.76
N TYR A 113 1.95 -1.81 4.35
CA TYR A 113 2.12 -0.41 4.75
C TYR A 113 2.19 0.53 3.55
N GLU A 114 2.65 0.06 2.39
CA GLU A 114 2.71 0.94 1.22
C GLU A 114 1.35 1.52 0.87
N ASN A 115 0.26 0.80 1.20
CA ASN A 115 -1.06 1.34 0.93
C ASN A 115 -1.29 2.68 1.64
N PHE A 116 -0.64 2.89 2.78
CA PHE A 116 -0.85 4.13 3.52
C PHE A 116 -0.38 5.34 2.71
N ASN A 117 0.59 5.16 1.80
CA ASN A 117 1.16 6.28 1.07
C ASN A 117 0.18 6.91 0.09
N GLN A 118 -0.95 6.27 -0.16
CA GLN A 118 -1.98 6.83 -1.02
C GLN A 118 -2.89 7.83 -0.30
N HIS A 119 -2.61 8.11 0.98
CA HIS A 119 -3.44 8.99 1.80
C HIS A 119 -2.55 9.93 2.60
N GLU A 120 -2.87 11.22 2.57
CA GLU A 120 -1.98 12.21 3.16
C GLU A 120 -1.87 12.10 4.68
N VAL A 121 -2.97 11.72 5.35
CA VAL A 121 -3.04 11.61 6.81
C VAL A 121 -3.91 10.41 7.15
N LEU A 122 -3.48 9.60 8.12
CA LEU A 122 -4.24 8.42 8.53
C LEU A 122 -4.13 8.19 10.03
N LEU A 123 -5.21 7.69 10.62
N LEU A 123 -5.22 7.72 10.62
CA LEU A 123 -5.21 7.07 11.94
CA LEU A 123 -5.24 7.14 11.96
C LEU A 123 -5.12 5.57 11.72
C LEU A 123 -5.21 5.63 11.79
N ALA A 124 -4.24 4.87 12.46
N ALA A 124 -4.15 4.98 12.26
CA ALA A 124 -3.97 3.49 12.09
CA ALA A 124 -3.94 3.57 12.00
C ALA A 124 -3.48 2.67 13.27
C ALA A 124 -3.62 2.79 13.26
N PRO A 125 -3.70 1.35 13.24
N PRO A 125 -3.85 1.46 13.24
CA PRO A 125 -3.05 0.44 14.15
CA PRO A 125 -3.29 0.58 14.25
C PRO A 125 -1.74 -0.07 13.54
C PRO A 125 -1.97 0.01 13.75
N LEU A 126 -0.95 -0.73 14.37
N LEU A 126 -1.29 -0.78 14.58
CA LEU A 126 0.21 -1.45 13.87
CA LEU A 126 -0.09 -1.48 14.15
C LEU A 126 -0.22 -2.70 13.12
C LEU A 126 -0.49 -2.72 13.36
N LEU A 127 0.08 -2.76 11.83
N LEU A 127 -0.15 -2.75 12.07
CA LEU A 127 -0.33 -3.87 11.00
CA LEU A 127 -0.54 -3.88 11.24
C LEU A 127 0.35 -5.15 11.44
C LEU A 127 0.25 -5.13 11.59
N SER A 128 -0.41 -6.25 11.38
N SER A 128 -0.41 -6.28 11.45
CA SER A 128 0.02 -7.59 11.70
CA SER A 128 0.12 -7.62 11.66
C SER A 128 0.31 -7.80 13.19
C SER A 128 0.48 -7.92 13.11
N ALA A 129 0.09 -6.79 14.04
N ALA A 129 0.33 -6.98 14.04
CA ALA A 129 0.28 -6.92 15.48
CA ALA A 129 0.54 -7.27 15.45
C ALA A 129 -0.97 -7.55 16.11
C ALA A 129 -0.70 -7.91 16.04
N GLY A 130 -0.96 -7.65 17.44
N GLY A 130 -0.70 -8.11 17.35
CA GLY A 130 -2.10 -8.24 18.13
CA GLY A 130 -1.85 -8.71 18.01
C GLY A 130 -2.35 -9.66 17.64
C GLY A 130 -2.05 -10.13 17.54
N ILE A 131 -3.62 -9.97 17.36
N ILE A 131 -3.32 -10.47 17.23
CA ILE A 131 -4.01 -11.32 17.00
CA ILE A 131 -3.65 -11.84 16.85
C ILE A 131 -3.48 -11.77 15.64
C ILE A 131 -3.24 -12.16 15.41
N PHE A 132 -2.89 -10.86 14.86
N PHE A 132 -2.64 -11.22 14.68
CA PHE A 132 -2.23 -11.28 13.62
CA PHE A 132 -2.02 -11.55 13.41
C PHE A 132 -0.84 -11.88 13.87
C PHE A 132 -0.66 -12.21 13.58
N GLY A 133 -0.33 -11.81 15.09
N GLY A 133 -0.06 -12.12 14.76
CA GLY A 133 0.77 -12.66 15.51
CA GLY A 133 1.07 -12.95 15.14
C GLY A 133 2.18 -12.19 15.22
C GLY A 133 2.44 -12.33 15.01
N ALA A 134 2.37 -10.99 14.64
N ALA A 134 2.59 -11.20 14.31
CA ALA A 134 3.71 -10.49 14.39
CA ALA A 134 3.92 -10.67 14.03
C ALA A 134 4.22 -9.69 15.59
C ALA A 134 4.46 -9.88 15.23
N ASP A 135 5.53 -9.48 15.62
N ASP A 135 5.76 -9.59 15.18
CA ASP A 135 6.16 -8.69 16.66
CA ASP A 135 6.42 -8.82 16.23
C ASP A 135 5.83 -7.21 16.44
C ASP A 135 5.99 -7.37 16.14
N PRO A 136 5.14 -6.54 17.36
N PRO A 136 5.45 -6.78 17.22
CA PRO A 136 4.81 -5.12 17.14
CA PRO A 136 4.98 -5.38 17.12
C PRO A 136 6.02 -4.22 17.00
C PRO A 136 6.11 -4.38 16.98
N ILE A 137 7.15 -4.55 17.62
N ILE A 137 7.25 -4.60 17.64
CA ILE A 137 8.37 -3.76 17.44
CA ILE A 137 8.40 -3.72 17.42
C ILE A 137 8.78 -3.76 15.98
C ILE A 137 8.79 -3.76 15.96
N HIS A 138 8.74 -4.93 15.35
CA HIS A 138 9.04 -5.04 13.93
C HIS A 138 8.02 -4.27 13.09
N SER A 139 6.74 -4.41 13.41
CA SER A 139 5.72 -3.68 12.66
C SER A 139 5.96 -2.17 12.70
N LEU A 140 6.31 -1.64 13.87
CA LEU A 140 6.58 -0.21 13.97
C LEU A 140 7.77 0.18 13.11
N ARG A 141 8.81 -0.64 13.10
CA ARG A 141 9.99 -0.37 12.28
C ARG A 141 9.62 -0.32 10.81
N VAL A 142 8.87 -1.33 10.34
CA VAL A 142 8.46 -1.34 8.95
C VAL A 142 7.61 -0.12 8.64
N CYS A 143 6.69 0.25 9.54
CA CYS A 143 5.88 1.44 9.33
C CYS A 143 6.76 2.66 9.11
N VAL A 144 7.70 2.91 10.01
CA VAL A 144 8.53 4.10 9.94
C VAL A 144 9.36 4.10 8.66
N ASP A 145 9.81 2.94 8.23
CA ASP A 145 10.68 2.81 7.07
C ASP A 145 9.92 2.70 5.75
N THR A 146 8.59 2.69 5.78
CA THR A 146 7.79 2.52 4.56
C THR A 146 6.82 3.65 4.33
N VAL A 147 6.12 4.10 5.37
CA VAL A 147 5.11 5.14 5.24
C VAL A 147 5.80 6.50 5.20
N ARG A 148 5.46 7.29 4.18
CA ARG A 148 5.97 8.63 4.01
C ARG A 148 4.93 9.70 4.28
N THR A 149 3.66 9.34 4.28
CA THR A 149 2.58 10.25 4.63
C THR A 149 2.43 10.29 6.15
N ASN A 150 1.54 11.13 6.64
CA ASN A 150 1.46 11.40 8.07
C ASN A 150 0.55 10.36 8.74
N VAL A 151 1.14 9.55 9.61
CA VAL A 151 0.44 8.44 10.23
C VAL A 151 0.43 8.63 11.74
N TYR A 152 -0.77 8.50 12.32
N TYR A 152 -0.77 8.50 12.31
CA TYR A 152 -1.00 8.55 13.74
CA TYR A 152 -1.05 8.64 13.74
C TYR A 152 -1.36 7.14 14.21
C TYR A 152 -1.49 7.28 14.24
N LEU A 153 -0.43 6.51 14.93
N LEU A 153 -0.62 6.61 14.99
CA LEU A 153 -0.55 5.12 15.36
CA LEU A 153 -0.85 5.26 15.45
C LEU A 153 -1.17 5.05 16.75
C LEU A 153 -1.50 5.27 16.83
N ALA A 154 -2.26 4.30 16.86
N ALA A 154 -2.58 4.51 16.96
CA ALA A 154 -2.92 4.03 18.13
CA ALA A 154 -3.26 4.30 18.24
C ALA A 154 -2.56 2.62 18.58
C ALA A 154 -2.94 2.88 18.70
N VAL A 155 -1.92 2.52 19.74
N VAL A 155 -2.32 2.77 19.87
CA VAL A 155 -1.52 1.25 20.34
CA VAL A 155 -1.96 1.50 20.49
CA VAL A 155 -1.57 1.35 20.36
C VAL A 155 -2.43 1.00 21.53
C VAL A 155 -2.68 1.44 21.83
C VAL A 155 -2.55 1.04 21.50
N PHE A 156 -3.26 -0.05 21.45
N PHE A 156 -3.71 0.59 21.93
N PHE A 156 -3.23 -0.10 21.38
CA PHE A 156 -4.28 -0.29 22.47
CA PHE A 156 -4.51 0.55 23.16
CA PHE A 156 -4.27 -0.46 22.34
C PHE A 156 -3.65 -0.64 23.82
C PHE A 156 -3.72 -0.04 24.32
C PHE A 156 -3.70 -0.82 23.69
N ASP A 157 -2.63 -1.49 23.82
N ASP A 157 -2.98 -1.12 24.09
N ASP A 157 -2.61 -1.57 23.71
CA ASP A 157 -2.09 -2.04 25.05
CA ASP A 157 -2.31 -1.82 25.18
CA ASP A 157 -2.05 -2.13 24.95
C ASP A 157 -1.08 -1.07 25.65
C ASP A 157 -1.17 -0.97 25.74
C ASP A 157 -1.07 -1.15 25.56
N LYS A 158 -1.39 -0.51 26.83
N LYS A 158 -1.22 -0.72 27.05
N LYS A 158 -1.35 -0.70 26.79
CA LYS A 158 -0.51 0.46 27.45
CA LYS A 158 -0.21 0.15 27.67
CA LYS A 158 -0.50 0.30 27.43
C LYS A 158 0.87 -0.13 27.71
C LYS A 158 1.15 -0.54 27.74
C LYS A 158 0.90 -0.23 27.67
N ASN A 159 0.93 -1.37 28.20
N ASN A 159 1.18 -1.80 28.17
N ASN A 159 1.02 -1.47 28.15
CA ASN A 159 2.22 -1.99 28.41
CA ASN A 159 2.45 -2.51 28.27
CA ASN A 159 2.33 -2.04 28.41
C ASN A 159 3.00 -2.10 27.11
C ASN A 159 3.13 -2.58 26.91
C ASN A 159 3.16 -2.18 27.13
N LEU A 160 2.31 -2.44 26.01
N LEU A 160 2.36 -2.85 25.86
N LEU A 160 2.49 -2.45 26.02
CA LEU A 160 3.02 -2.52 24.73
CA LEU A 160 2.93 -2.84 24.52
CA LEU A 160 3.18 -2.56 24.73
C LEU A 160 3.46 -1.15 24.26
C LEU A 160 3.44 -1.45 24.15
N TYR A 161 2.61 -0.14 24.43
N TYR A 161 2.60 -0.43 24.37
CA TYR A 161 2.98 1.22 24.04
CA TYR A 161 3.00 0.94 24.09
C TYR A 161 4.29 1.65 24.70
C TYR A 161 4.30 1.30 24.78
N ASP A 162 4.40 1.45 26.02
N ASP A 162 4.45 0.92 26.06
CA ASP A 162 5.61 1.84 26.72
CA ASP A 162 5.68 1.20 26.78
C ASP A 162 6.83 1.11 26.16
C ASP A 162 6.85 0.46 26.17
N LYS A 163 6.67 -0.18 25.84
N LYS A 163 6.67 -0.83 25.86
CA LYS A 163 7.79 -0.93 25.28
CA LYS A 163 7.71 -1.58 25.18
C LYS A 163 8.18 -0.43 23.88
C LYS A 163 8.05 -0.93 23.84
N LEU A 164 7.19 -0.06 23.07
N LEU A 164 7.03 -0.45 23.12
CA LEU A 164 7.50 0.42 21.71
CA LEU A 164 7.28 0.18 21.83
C LEU A 164 8.25 1.74 21.76
C LEU A 164 8.07 1.48 21.98
N VAL A 165 7.83 2.65 22.64
N VAL A 165 7.69 2.31 22.95
CA VAL A 165 8.52 3.93 22.77
CA VAL A 165 8.36 3.59 23.13
C VAL A 165 9.94 3.70 23.29
C VAL A 165 9.83 3.38 23.51
N SER A 166 10.07 2.94 24.37
N SER A 166 10.08 2.53 24.50
CA SER A 166 11.37 2.80 25.02
CA SER A 166 11.42 2.40 25.05
C SER A 166 12.37 2.10 24.12
C SER A 166 12.38 1.64 24.14
N SER A 167 11.91 1.22 23.23
N SER A 167 11.88 0.96 23.11
CA SER A 167 12.80 0.46 22.37
CA SER A 167 12.74 0.21 22.20
C SER A 167 12.98 1.08 20.99
C SER A 167 12.88 0.85 20.83
N PHE A 168 12.37 2.25 20.73
N PHE A 168 12.17 1.95 20.57
CA PHE A 168 12.39 2.80 19.39
CA PHE A 168 12.22 2.57 19.25
C PHE A 168 13.76 3.38 19.06
C PHE A 168 13.59 3.20 19.02
N LEU A 169 14.28 3.01 17.90
N LEU A 169 14.20 2.87 17.88
CA LEU A 169 15.58 3.52 17.47
CA LEU A 169 15.51 3.39 17.54
C LEU A 169 15.41 4.70 16.55
C LEU A 169 15.39 4.59 16.62
N SER B 1 -0.73 -24.06 -21.63
N SER B 1 -0.68 -24.04 -21.57
CA SER B 1 -0.46 -22.81 -22.38
CA SER B 1 -0.47 -22.75 -22.28
C SER B 1 0.73 -22.08 -21.78
C SER B 1 0.73 -22.02 -21.70
N MET B 2 1.23 -21.12 -22.55
N MET B 2 1.16 -20.99 -22.42
CA MET B 2 2.45 -20.41 -22.23
CA MET B 2 2.39 -20.26 -22.12
C MET B 2 2.08 -18.98 -21.88
C MET B 2 2.02 -18.83 -21.73
N VAL B 3 2.31 -18.59 -20.62
N VAL B 3 2.10 -18.54 -20.44
CA VAL B 3 2.10 -17.24 -20.15
CA VAL B 3 1.92 -17.17 -19.94
C VAL B 3 3.33 -16.80 -19.38
C VAL B 3 3.15 -16.77 -19.16
N ASN B 4 3.47 -15.48 -19.23
CA ASN B 4 4.64 -14.91 -18.56
C ASN B 4 5.94 -15.54 -19.06
N SER B 5 6.04 -15.69 -20.38
CA SER B 5 7.22 -16.30 -20.99
C SER B 5 8.15 -15.20 -21.49
N PHE B 6 8.82 -14.58 -20.53
CA PHE B 6 9.77 -13.50 -20.82
C PHE B 6 11.08 -14.09 -21.31
N SER B 7 11.63 -13.51 -22.37
N SER B 7 11.61 -13.51 -22.39
CA SER B 7 12.86 -14.02 -22.98
CA SER B 7 12.82 -14.02 -23.02
C SER B 7 13.74 -12.86 -23.42
C SER B 7 13.70 -12.85 -23.44
N GLY B 8 15.04 -13.03 -23.23
N GLY B 8 15.01 -13.02 -23.26
CA GLY B 8 16.00 -12.05 -23.71
CA GLY B 8 15.97 -12.04 -23.72
C GLY B 8 16.19 -10.86 -22.79
C GLY B 8 16.14 -10.84 -22.80
N TYR B 9 15.77 -10.94 -21.53
CA TYR B 9 15.94 -9.85 -20.60
C TYR B 9 17.29 -9.91 -19.91
N LEU B 10 17.82 -8.73 -19.63
CA LEU B 10 19.05 -8.57 -18.86
C LEU B 10 18.69 -8.35 -17.40
N LYS B 11 19.32 -9.12 -16.52
CA LYS B 11 19.05 -9.01 -15.09
C LYS B 11 19.82 -7.81 -14.53
N LEU B 12 19.10 -6.89 -13.89
CA LEU B 12 19.71 -5.77 -13.19
C LEU B 12 19.84 -6.04 -11.69
N THR B 13 18.77 -6.51 -11.07
CA THR B 13 18.76 -6.96 -9.70
C THR B 13 18.03 -8.30 -9.65
N ASP B 14 17.91 -8.85 -8.44
N ASP B 14 17.89 -8.85 -8.44
CA ASP B 14 17.25 -10.14 -8.29
CA ASP B 14 17.24 -10.15 -8.29
C ASP B 14 15.82 -10.12 -8.85
C ASP B 14 15.79 -10.14 -8.71
N ASN B 15 15.18 -8.96 -8.87
CA ASN B 15 13.77 -8.88 -9.29
C ASN B 15 13.50 -7.89 -10.42
N VAL B 16 14.50 -7.19 -10.94
CA VAL B 16 14.30 -6.21 -12.01
C VAL B 16 15.10 -6.63 -13.23
N TYR B 17 14.41 -6.74 -14.36
CA TYR B 17 14.96 -7.19 -15.63
C TYR B 17 14.62 -6.16 -16.70
N ILE B 18 15.44 -6.07 -17.75
CA ILE B 18 15.27 -5.04 -18.76
C ILE B 18 15.57 -5.58 -20.14
N LYS B 19 14.85 -5.06 -21.15
CA LYS B 19 15.00 -5.50 -22.52
C LYS B 19 14.74 -4.34 -23.46
N ASN B 20 15.49 -4.29 -24.56
CA ASN B 20 15.22 -3.33 -25.63
C ASN B 20 14.12 -3.94 -26.48
N ALA B 21 12.89 -3.42 -26.34
CA ALA B 21 11.75 -4.02 -27.00
C ALA B 21 10.59 -3.05 -27.04
N ASP B 22 9.69 -3.28 -27.99
CA ASP B 22 8.40 -2.63 -28.11
C ASP B 22 7.43 -3.33 -27.17
N ILE B 23 6.89 -2.60 -26.19
CA ILE B 23 6.10 -3.23 -25.13
C ILE B 23 4.83 -3.89 -25.68
N VAL B 24 4.26 -3.37 -26.76
CA VAL B 24 3.10 -4.01 -27.38
C VAL B 24 3.49 -5.36 -27.99
N GLU B 25 4.57 -5.37 -28.77
CA GLU B 25 5.04 -6.64 -29.33
C GLU B 25 5.43 -7.61 -28.23
N GLU B 26 6.07 -7.10 -27.18
CA GLU B 26 6.42 -7.96 -26.05
C GLU B 26 5.19 -8.56 -25.40
N ALA B 27 4.18 -7.74 -25.15
CA ALA B 27 2.96 -8.24 -24.53
C ALA B 27 2.34 -9.36 -25.35
N LYS B 28 2.28 -9.18 -26.67
CA LYS B 28 1.66 -10.20 -27.51
C LYS B 28 2.47 -11.49 -27.52
N LYS B 29 3.78 -11.40 -27.36
CA LYS B 29 4.63 -12.59 -27.35
C LYS B 29 4.69 -13.25 -25.98
N VAL B 30 4.85 -12.45 -24.91
CA VAL B 30 5.08 -12.97 -23.56
C VAL B 30 3.79 -13.52 -22.95
N LYS B 31 2.66 -12.93 -23.32
CA LYS B 31 1.36 -13.24 -22.74
C LYS B 31 1.39 -13.02 -21.23
N PRO B 32 1.69 -11.80 -20.76
CA PRO B 32 1.83 -11.57 -19.33
C PRO B 32 0.47 -11.53 -18.61
N THR B 33 0.50 -11.92 -17.34
CA THR B 33 -0.66 -11.70 -16.49
C THR B 33 -0.98 -10.21 -16.39
N VAL B 34 0.04 -9.36 -16.30
CA VAL B 34 -0.14 -7.93 -16.09
C VAL B 34 0.78 -7.16 -17.02
N VAL B 35 0.20 -6.26 -17.81
CA VAL B 35 0.96 -5.21 -18.48
C VAL B 35 0.63 -3.89 -17.81
N VAL B 36 1.66 -3.09 -17.54
CA VAL B 36 1.49 -1.78 -16.93
C VAL B 36 1.32 -0.74 -18.03
N ASN B 37 0.33 0.13 -17.87
CA ASN B 37 0.17 1.31 -18.69
C ASN B 37 0.68 2.54 -17.96
N ALA B 38 1.37 3.40 -18.70
CA ALA B 38 1.79 4.72 -18.26
C ALA B 38 0.59 5.67 -18.41
N ALA B 39 -0.30 5.59 -17.43
CA ALA B 39 -1.60 6.25 -17.48
C ALA B 39 -1.54 7.67 -16.90
N ASN B 40 -2.61 8.42 -17.16
CA ASN B 40 -2.89 9.68 -16.49
C ASN B 40 -4.20 9.53 -15.68
N VAL B 41 -4.51 10.54 -14.89
CA VAL B 41 -5.57 10.39 -13.88
C VAL B 41 -6.94 10.16 -14.51
N TYR B 42 -7.18 10.67 -15.72
CA TYR B 42 -8.45 10.48 -16.39
C TYR B 42 -8.42 9.34 -17.41
N LEU B 43 -7.34 8.55 -17.41
CA LEU B 43 -7.24 7.39 -18.30
C LEU B 43 -7.52 7.77 -19.74
N LYS B 44 -6.95 8.90 -20.18
CA LYS B 44 -7.03 9.35 -21.56
C LYS B 44 -5.75 8.92 -22.25
N HIS B 45 -5.85 7.89 -23.08
CA HIS B 45 -4.68 7.17 -23.60
C HIS B 45 -4.28 7.76 -24.95
N GLY B 46 -3.69 8.96 -24.87
N GLY B 46 -3.72 8.96 -24.87
CA GLY B 46 -3.39 9.71 -26.07
CA GLY B 46 -3.39 9.70 -26.08
C GLY B 46 -2.06 9.44 -26.74
C GLY B 46 -2.07 9.30 -26.70
N GLY B 47 -0.97 9.49 -25.97
CA GLY B 47 0.36 9.41 -26.52
C GLY B 47 1.24 8.39 -25.84
N GLY B 48 2.47 8.28 -26.34
CA GLY B 48 3.43 7.41 -25.71
C GLY B 48 2.92 6.00 -25.55
N VAL B 49 3.27 5.39 -24.41
CA VAL B 49 2.90 4.00 -24.14
C VAL B 49 1.38 3.84 -24.16
N ALA B 50 0.65 4.74 -23.50
CA ALA B 50 -0.80 4.57 -23.40
C ALA B 50 -1.45 4.60 -24.77
N GLY B 51 -1.02 5.52 -25.63
CA GLY B 51 -1.57 5.55 -26.98
C GLY B 51 -1.30 4.27 -27.73
N ALA B 52 -0.09 3.72 -27.59
CA ALA B 52 0.24 2.48 -28.29
C ALA B 52 -0.56 1.31 -27.76
N LEU B 53 -0.68 1.18 -26.43
CA LEU B 53 -1.47 0.08 -25.89
C LEU B 53 -2.92 0.18 -26.34
N ASN B 54 -3.49 1.38 -26.25
CA ASN B 54 -4.89 1.53 -26.62
C ASN B 54 -5.09 1.22 -28.10
N LYS B 55 -4.20 1.70 -28.96
CA LYS B 55 -4.31 1.41 -30.38
C LYS B 55 -4.28 -0.10 -30.64
N ALA B 56 -3.42 -0.82 -29.92
CA ALA B 56 -3.35 -2.27 -30.11
C ALA B 56 -4.66 -2.94 -29.76
N THR B 57 -5.43 -2.36 -28.83
CA THR B 57 -6.74 -2.90 -28.47
C THR B 57 -7.86 -2.39 -29.35
N ASN B 58 -7.53 -1.67 -30.43
CA ASN B 58 -8.55 -1.11 -31.31
C ASN B 58 -9.53 -0.23 -30.54
N ASN B 59 -9.01 0.53 -29.58
CA ASN B 59 -9.75 1.52 -28.77
C ASN B 59 -10.60 0.88 -27.69
N ALA B 60 -10.61 -0.45 -27.55
CA ALA B 60 -11.40 -1.07 -26.49
C ALA B 60 -10.94 -0.62 -25.11
N MET B 61 -9.63 -0.42 -24.95
CA MET B 61 -9.12 0.07 -23.67
C MET B 61 -9.70 1.44 -23.33
N GLN B 62 -9.78 2.34 -24.32
CA GLN B 62 -10.29 3.67 -24.05
C GLN B 62 -11.78 3.63 -23.68
N VAL B 63 -12.56 2.82 -24.39
CA VAL B 63 -13.99 2.72 -24.07
C VAL B 63 -14.17 2.21 -22.64
N GLU B 64 -13.44 1.16 -22.29
CA GLU B 64 -13.51 0.60 -20.95
C GLU B 64 -13.07 1.63 -19.91
N SER B 65 -12.01 2.38 -20.24
CA SER B 65 -11.48 3.38 -19.32
C SER B 65 -12.48 4.51 -19.07
N ASP B 66 -13.13 4.99 -20.12
CA ASP B 66 -14.12 6.06 -19.94
C ASP B 66 -15.26 5.60 -19.06
N ASP B 67 -15.69 4.35 -19.20
CA ASP B 67 -16.72 3.82 -18.31
C ASP B 67 -16.23 3.74 -16.87
N TYR B 68 -14.97 3.30 -16.67
CA TYR B 68 -14.40 3.28 -15.33
C TYR B 68 -14.43 4.67 -14.70
N ILE B 69 -14.04 5.69 -15.46
CA ILE B 69 -14.01 7.05 -14.94
C ILE B 69 -15.41 7.54 -14.60
N ALA B 70 -16.39 7.25 -15.46
CA ALA B 70 -17.76 7.65 -15.18
C ALA B 70 -18.23 7.11 -13.83
N THR B 71 -17.85 5.87 -13.52
CA THR B 71 -18.31 5.23 -12.29
C THR B 71 -17.49 5.66 -11.07
N ASN B 72 -16.18 5.86 -11.25
CA ASN B 72 -15.25 5.98 -10.13
C ASN B 72 -14.57 7.33 -10.00
N GLY B 73 -14.61 8.18 -11.03
CA GLY B 73 -13.85 9.40 -11.02
C GLY B 73 -12.38 9.16 -11.28
N PRO B 74 -11.60 10.24 -11.35
CA PRO B 74 -10.19 10.13 -11.71
C PRO B 74 -9.37 9.46 -10.62
N LEU B 75 -8.26 8.88 -11.06
CA LEU B 75 -7.26 8.35 -10.15
C LEU B 75 -6.50 9.51 -9.50
N LYS B 76 -5.69 9.16 -8.50
CA LYS B 76 -4.71 10.07 -7.91
C LYS B 76 -3.37 9.87 -8.61
N VAL B 77 -2.59 10.95 -8.75
CA VAL B 77 -1.20 10.79 -9.15
C VAL B 77 -0.51 9.93 -8.10
N GLY B 78 0.19 8.88 -8.54
CA GLY B 78 0.76 7.89 -7.68
C GLY B 78 -0.11 6.67 -7.48
N GLY B 79 -1.36 6.70 -7.95
CA GLY B 79 -2.28 5.60 -7.79
C GLY B 79 -2.40 4.74 -9.05
N SER B 80 -3.32 3.78 -8.99
CA SER B 80 -3.50 2.82 -10.07
C SER B 80 -4.90 2.22 -10.03
N CYS B 81 -5.26 1.58 -11.13
CA CYS B 81 -6.42 0.69 -11.15
C CYS B 81 -6.11 -0.49 -12.07
N VAL B 82 -6.79 -1.61 -11.81
CA VAL B 82 -6.68 -2.81 -12.62
C VAL B 82 -7.89 -2.87 -13.55
N LEU B 83 -7.63 -2.96 -14.86
CA LEU B 83 -8.66 -3.14 -15.86
C LEU B 83 -8.28 -4.33 -16.75
N SER B 84 -9.08 -4.61 -17.76
CA SER B 84 -8.77 -5.73 -18.65
C SER B 84 -7.48 -5.47 -19.42
N GLY B 85 -6.78 -6.54 -19.74
CA GLY B 85 -5.66 -6.48 -20.65
C GLY B 85 -5.97 -6.72 -22.11
N HIS B 86 -7.23 -7.01 -22.45
CA HIS B 86 -7.67 -7.08 -23.87
C HIS B 86 -6.83 -8.13 -24.60
N ASN B 87 -6.23 -7.79 -25.73
CA ASN B 87 -5.39 -8.71 -26.49
C ASN B 87 -3.93 -8.64 -26.09
N LEU B 88 -3.62 -7.98 -24.97
CA LEU B 88 -2.24 -7.76 -24.53
C LEU B 88 -1.84 -8.57 -23.31
N ALA B 89 -2.78 -8.85 -22.42
CA ALA B 89 -2.45 -9.40 -21.11
C ALA B 89 -3.76 -9.81 -20.46
N LYS B 90 -3.66 -10.57 -19.37
CA LYS B 90 -4.88 -10.80 -18.59
C LYS B 90 -5.43 -9.49 -18.06
N HIS B 91 -4.57 -8.68 -17.45
CA HIS B 91 -4.94 -7.42 -16.84
C HIS B 91 -4.01 -6.32 -17.33
N CYS B 92 -4.53 -5.11 -17.39
CA CYS B 92 -3.72 -3.91 -17.50
C CYS B 92 -3.77 -3.16 -16.18
N LEU B 93 -2.59 -2.93 -15.58
CA LEU B 93 -2.46 -2.10 -14.40
C LEU B 93 -2.14 -0.69 -14.88
N HIS B 94 -3.13 0.20 -14.78
CA HIS B 94 -2.97 1.60 -15.18
C HIS B 94 -2.36 2.34 -14.00
N VAL B 95 -1.10 2.78 -14.12
CA VAL B 95 -0.38 3.43 -13.04
C VAL B 95 -0.08 4.87 -13.44
N VAL B 96 -0.37 5.81 -12.55
CA VAL B 96 -0.15 7.23 -12.83
C VAL B 96 1.14 7.68 -12.14
N GLY B 97 2.22 7.82 -12.89
CA GLY B 97 3.40 8.48 -12.40
C GLY B 97 3.27 9.97 -12.55
N PRO B 98 4.06 10.75 -11.80
CA PRO B 98 4.04 12.19 -11.98
C PRO B 98 4.54 12.60 -13.36
N ASN B 99 3.86 13.59 -13.94
CA ASN B 99 4.26 14.16 -15.23
C ASN B 99 5.02 15.45 -14.96
N VAL B 100 6.36 15.38 -15.05
N VAL B 100 6.36 15.37 -15.06
CA VAL B 100 7.19 16.56 -14.82
CA VAL B 100 7.20 16.54 -14.83
C VAL B 100 6.92 17.63 -15.86
C VAL B 100 6.92 17.63 -15.86
N ASN B 101 6.56 17.24 -17.09
CA ASN B 101 6.19 18.22 -18.10
C ASN B 101 4.92 18.98 -17.74
N LYS B 102 4.12 18.46 -16.80
N LYS B 102 4.12 18.46 -16.80
CA LYS B 102 2.96 19.15 -16.27
CA LYS B 102 2.96 19.15 -16.27
C LYS B 102 3.23 19.79 -14.91
C LYS B 102 3.23 19.83 -14.94
N GLY B 103 4.48 19.80 -14.46
CA GLY B 103 4.81 20.40 -13.18
C GLY B 103 4.52 19.55 -11.97
N GLU B 104 4.16 18.28 -12.16
N GLU B 104 4.19 18.28 -12.15
CA GLU B 104 3.81 17.42 -11.03
CA GLU B 104 3.86 17.42 -11.01
C GLU B 104 5.07 16.98 -10.28
C GLU B 104 5.13 16.97 -10.30
N ASP B 105 4.88 16.65 -9.01
N ASP B 105 4.98 16.68 -9.00
CA ASP B 105 6.00 16.44 -8.10
CA ASP B 105 6.13 16.45 -8.12
C ASP B 105 6.66 15.10 -8.37
C ASP B 105 6.75 15.09 -8.42
N ILE B 106 7.93 15.15 -8.79
N ILE B 106 8.03 15.10 -8.79
CA ILE B 106 8.69 13.94 -9.06
CA ILE B 106 8.75 13.87 -9.06
C ILE B 106 8.78 13.02 -7.83
C ILE B 106 8.82 12.96 -7.84
N GLN B 107 8.61 13.57 -6.64
N GLN B 107 8.64 13.52 -6.64
CA GLN B 107 8.65 12.75 -5.43
CA GLN B 107 8.67 12.72 -5.42
C GLN B 107 7.58 11.68 -5.42
C GLN B 107 7.56 11.67 -5.39
N LEU B 108 6.48 11.86 -6.17
CA LEU B 108 5.39 10.89 -6.21
C LEU B 108 5.72 9.63 -7.00
N LEU B 109 6.91 9.58 -7.60
CA LEU B 109 7.29 8.42 -8.40
C LEU B 109 7.42 7.16 -7.55
N LYS B 110 7.90 7.29 -6.32
CA LYS B 110 8.02 6.11 -5.47
C LYS B 110 6.64 5.51 -5.18
N SER B 111 5.67 6.36 -4.81
CA SER B 111 4.31 5.88 -4.59
C SER B 111 3.77 5.17 -5.82
N ALA B 112 4.03 5.73 -7.01
CA ALA B 112 3.57 5.11 -8.25
C ALA B 112 4.14 3.70 -8.39
N TYR B 113 5.46 3.55 -8.17
CA TYR B 113 6.06 2.22 -8.29
C TYR B 113 5.56 1.25 -7.22
N GLU B 114 5.16 1.74 -6.05
CA GLU B 114 4.67 0.83 -5.02
C GLU B 114 3.48 0.02 -5.52
N ASN B 115 2.71 0.53 -6.47
CA ASN B 115 1.59 -0.23 -7.02
C ASN B 115 2.07 -1.56 -7.61
N PHE B 116 3.29 -1.60 -8.13
CA PHE B 116 3.77 -2.83 -8.75
C PHE B 116 3.87 -3.96 -7.74
N ASN B 117 4.06 -3.64 -6.46
CA ASN B 117 4.27 -4.68 -5.45
C ASN B 117 3.01 -5.48 -5.17
N GLN B 118 1.87 -5.08 -5.70
CA GLN B 118 0.63 -5.83 -5.56
C GLN B 118 0.49 -6.93 -6.62
N HIS B 119 1.50 -7.14 -7.45
CA HIS B 119 1.46 -8.13 -8.52
C HIS B 119 2.78 -8.88 -8.55
N GLU B 120 2.71 -10.21 -8.61
CA GLU B 120 3.94 -11.00 -8.47
C GLU B 120 4.88 -10.82 -9.66
N VAL B 121 4.34 -10.60 -10.86
CA VAL B 121 5.15 -10.42 -12.06
C VAL B 121 4.42 -9.46 -13.01
N LEU B 122 5.16 -8.54 -13.61
CA LEU B 122 4.61 -7.52 -14.50
C LEU B 122 5.54 -7.25 -15.66
N LEU B 123 4.94 -6.96 -16.82
CA LEU B 123 5.62 -6.32 -17.95
C LEU B 123 5.32 -4.83 -17.86
N ALA B 124 6.35 -3.99 -17.92
CA ALA B 124 6.12 -2.58 -17.62
C ALA B 124 7.05 -1.65 -18.39
N PRO B 125 6.63 -0.41 -18.60
CA PRO B 125 7.53 0.67 -19.00
C PRO B 125 8.10 1.35 -17.76
N LEU B 126 9.13 2.17 -17.98
CA LEU B 126 9.63 3.04 -16.92
C LEU B 126 8.65 4.16 -16.66
N LEU B 127 8.18 4.25 -15.42
CA LEU B 127 7.17 5.25 -15.08
C LEU B 127 7.77 6.64 -15.13
N SER B 128 6.95 7.59 -15.57
CA SER B 128 7.25 9.00 -15.68
C SER B 128 8.32 9.31 -16.72
N ALA B 129 8.75 8.31 -17.50
CA ALA B 129 9.73 8.53 -18.55
C ALA B 129 9.04 9.07 -19.80
N GLY B 130 9.86 9.38 -20.81
CA GLY B 130 9.32 9.72 -22.10
C GLY B 130 8.53 11.01 -22.05
N ILE B 131 7.30 10.94 -22.56
CA ILE B 131 6.44 12.11 -22.63
C ILE B 131 6.07 12.65 -21.26
N PHE B 132 6.30 11.88 -20.19
CA PHE B 132 6.07 12.37 -18.84
C PHE B 132 7.24 13.20 -18.29
N GLY B 133 8.41 13.19 -18.94
CA GLY B 133 9.44 14.18 -18.69
C GLY B 133 10.44 13.89 -17.59
N ALA B 134 10.33 12.79 -16.85
CA ALA B 134 11.33 12.51 -15.83
C ALA B 134 12.58 11.92 -16.47
N ASP B 135 13.69 11.99 -15.72
CA ASP B 135 14.93 11.37 -16.14
C ASP B 135 14.76 9.86 -16.08
N PRO B 136 14.86 9.15 -17.21
CA PRO B 136 14.67 7.69 -17.15
C PRO B 136 15.68 6.99 -16.27
N ILE B 137 16.89 7.54 -16.13
CA ILE B 137 17.87 6.96 -15.20
C ILE B 137 17.33 7.01 -13.78
N HIS B 138 16.70 8.13 -13.40
CA HIS B 138 16.10 8.23 -12.09
C HIS B 138 14.90 7.29 -11.95
N SER B 139 14.09 7.16 -13.00
CA SER B 139 12.96 6.26 -12.92
C SER B 139 13.43 4.84 -12.67
N LEU B 140 14.51 4.41 -13.34
CA LEU B 140 15.04 3.07 -13.11
C LEU B 140 15.54 2.93 -11.69
N ARG B 141 16.22 3.96 -11.16
CA ARG B 141 16.66 3.98 -9.77
C ARG B 141 15.50 3.76 -8.81
N VAL B 142 14.44 4.54 -8.97
CA VAL B 142 13.30 4.40 -8.07
C VAL B 142 12.66 3.03 -8.23
N CYS B 143 12.58 2.53 -9.46
CA CYS B 143 12.05 1.19 -9.69
C CYS B 143 12.83 0.16 -8.87
N VAL B 144 14.15 0.15 -9.04
CA VAL B 144 14.96 -0.85 -8.35
C VAL B 144 14.87 -0.71 -6.83
N ASP B 145 14.73 0.51 -6.34
CA ASP B 145 14.72 0.75 -4.91
C ASP B 145 13.33 0.61 -4.30
N THR B 146 12.30 0.37 -5.11
CA THR B 146 10.93 0.33 -4.61
C THR B 146 10.22 -0.99 -4.91
N VAL B 147 10.37 -1.50 -6.12
CA VAL B 147 9.67 -2.70 -6.53
C VAL B 147 10.42 -3.90 -6.00
N ARG B 148 9.68 -4.83 -5.39
CA ARG B 148 10.22 -6.08 -4.87
C ARG B 148 9.71 -7.30 -5.61
N THR B 149 8.59 -7.16 -6.33
CA THR B 149 8.07 -8.23 -7.17
C THR B 149 8.83 -8.22 -8.50
N ASN B 150 8.53 -9.17 -9.38
CA ASN B 150 9.33 -9.39 -10.57
C ASN B 150 8.84 -8.47 -11.68
N VAL B 151 9.67 -7.51 -12.07
CA VAL B 151 9.30 -6.53 -13.09
C VAL B 151 10.23 -6.65 -14.28
N TYR B 152 9.62 -6.76 -15.45
CA TYR B 152 10.27 -6.90 -16.74
C TYR B 152 10.03 -5.60 -17.50
N LEU B 153 11.07 -4.79 -17.62
CA LEU B 153 10.98 -3.46 -18.22
C LEU B 153 11.29 -3.53 -19.71
N ALA B 154 10.42 -2.91 -20.51
CA ALA B 154 10.60 -2.80 -21.95
C ALA B 154 10.99 -1.37 -22.28
N VAL B 155 12.12 -1.20 -22.94
CA VAL B 155 12.61 0.10 -23.37
C VAL B 155 12.72 0.07 -24.89
N PHE B 156 11.96 0.96 -25.54
CA PHE B 156 11.83 0.90 -27.00
C PHE B 156 13.12 1.30 -27.73
N ASP B 157 13.72 2.42 -27.33
CA ASP B 157 14.87 2.97 -28.04
C ASP B 157 16.15 2.29 -27.58
N LYS B 158 16.84 1.61 -28.52
CA LYS B 158 18.10 0.95 -28.20
C LYS B 158 19.10 1.90 -27.55
N ASN B 159 19.12 3.16 -27.99
CA ASN B 159 20.11 4.10 -27.44
C ASN B 159 19.78 4.47 -25.99
N LEU B 160 18.49 4.57 -25.65
CA LEU B 160 18.13 4.80 -24.24
C LEU B 160 18.40 3.55 -23.42
N TYR B 161 18.07 2.38 -23.97
CA TYR B 161 18.38 1.12 -23.30
C TYR B 161 19.86 1.06 -22.94
N ASP B 162 20.73 1.38 -23.90
CA ASP B 162 22.17 1.33 -23.65
C ASP B 162 22.57 2.32 -22.57
N LYS B 163 22.00 3.52 -22.58
N LYS B 163 21.98 3.52 -22.57
CA LYS B 163 22.31 4.50 -21.54
CA LYS B 163 22.31 4.50 -21.54
C LYS B 163 21.88 4.00 -20.17
C LYS B 163 21.87 4.03 -20.17
N LEU B 164 20.70 3.38 -20.09
CA LEU B 164 20.19 2.88 -18.82
C LEU B 164 21.06 1.74 -18.28
N VAL B 165 21.38 0.77 -19.14
CA VAL B 165 22.16 -0.39 -18.71
C VAL B 165 23.58 0.03 -18.37
N SER B 166 24.21 0.80 -19.26
CA SER B 166 25.62 1.13 -19.09
C SER B 166 25.85 1.99 -17.86
N SER B 167 24.86 2.78 -17.44
CA SER B 167 25.01 3.66 -16.28
C SER B 167 24.45 3.08 -14.98
N PHE B 168 23.79 1.92 -15.03
CA PHE B 168 23.19 1.38 -13.80
C PHE B 168 24.26 0.92 -12.82
N LEU B 169 25.38 0.41 -13.34
CA LEU B 169 26.45 -0.11 -12.50
C LEU B 169 27.82 0.07 -13.14
C1 TFA C . -1.75 -2.94 20.11
C2 TFA C . -1.08 -4.01 19.21
O TFA C . -2.24 -2.01 19.49
F1 TFA C . -0.03 -3.45 18.57
F2 TFA C . -0.64 -5.08 19.87
F3 TFA C . -1.91 -4.48 18.27
OXT TFA C . -1.72 -3.16 21.32
N2 A1A87 D . -4.61 -3.76 18.95
C3 A1A87 D . -3.07 -4.12 16.84
C6 A1A87 D . -5.38 -7.04 15.86
C9 A1A87 D . -5.94 -7.85 18.32
C12 A1A87 D . -5.41 -2.58 18.96
C14 A1A87 D . -7.43 -1.25 19.14
C17 A1A87 D . -9.13 -2.70 19.52
C1 A1A87 D . -2.41 -4.98 19.29
C10 A1A87 D . -5.10 -6.78 18.14
C11 A1A87 D . -4.76 -6.30 16.88
C13 A1A87 D . -5.47 -0.19 18.77
C15 A1A87 D . -6.84 -2.57 19.17
C16 A1A87 D . -7.96 -3.47 19.40
C2 A1A87 D . -3.18 -3.86 18.44
C4 A1A87 D . -3.93 -5.20 16.22
C5 A1A87 D . -4.15 -5.44 14.83
C7 A1A87 D . -6.25 -8.17 15.99
C8 A1A87 D . -6.51 -8.56 17.31
N1 A1A87 D . -5.02 -6.54 14.66
N3 A1A87 D . -4.75 -1.37 18.77
N4 A1A87 D . -6.80 -0.06 18.96
N5 A1A87 D . -8.79 -1.37 19.35
O1 A1A87 D . -3.25 -5.38 20.37
H13 A1A87 D . -5.03 -4.61 19.30
H6 A1A87 D . -3.35 -3.14 16.35
H5 A1A87 D . -1.96 -4.18 16.62
H11 A1A87 D . -6.19 -8.21 19.36
H16 A1A87 D . -10.19 -2.94 19.68
H4 A1A87 D . -2.16 -5.87 18.68
H3 A1A87 D . -1.46 -4.57 19.69
H12 A1A87 D . -4.79 -6.42 19.12
H14 A1A87 D . -4.94 0.76 18.62
H15 A1A87 D . -7.98 -4.54 19.50
H1 A1A87 D . -2.70 -2.88 18.60
H7 A1A87 D . -3.86 -5.03 13.88
H9 A1A87 D . -6.69 -8.70 15.17
H10 A1A87 D . -7.16 -9.38 17.57
H8 A1A87 D . -5.36 -6.94 13.77
H17 A1A87 D . -9.47 -0.60 19.39
H2 A1A87 D . -2.75 -5.94 20.98
O1 A1A88 E . -1.71 -3.99 16.41
C1 A1A88 E . -3.09 -3.87 16.58
C2 A1A88 E . -3.45 -4.07 18.15
C3 A1A88 E . -2.92 -5.51 18.68
C4 A1A88 E . -3.07 -5.76 20.24
C5 A1A88 E . -4.19 -5.53 21.07
C6 A1A88 E . -2.56 -6.36 22.48
C7 A1A88 E . -1.98 -6.80 23.68
C8 A1A88 E . -0.70 -7.23 23.61
C10 A1A88 E . -0.69 -6.77 21.20
C11 A1A88 E . -2.03 -6.30 21.15
C12 A1A88 E . -5.60 -2.58 18.61
C13 A1A88 E . -5.53 -0.14 18.74
C14 A1A88 E . -7.52 -1.13 19.19
C15 A1A88 E . -7.03 -2.47 18.99
C16 A1A88 E . -8.18 -3.36 19.23
C17 A1A88 E . -9.28 -2.58 19.58
C9 A1A88 E . -0.07 -7.21 22.35
N1 A1A88 E . -3.87 -5.89 22.39
N2 A1A88 E . -4.94 -3.87 18.36
N3 A1A88 E . -4.90 -1.38 18.50
N4 A1A88 E . -6.81 0.07 19.09
N5 A1A88 E . -8.87 -1.22 19.54
H2 A1A88 E . -1.45 -3.89 15.48
H3 A1A88 E . -3.64 -4.65 15.99
H4 A1A88 E . -3.45 -2.85 16.25
H1 A1A88 E . -2.90 -3.31 18.77
H5 A1A88 E . -3.49 -6.31 18.11
H6 A1A88 E . -1.88 -5.63 18.26
H7 A1A88 E . -5.25 -5.18 21.14
H9 A1A88 E . -2.45 -6.82 24.67
H10 A1A88 E . -0.02 -7.61 24.37
H12 A1A88 E . 0.01 -6.86 20.40
H14 A1A88 E . -4.87 0.80 18.63
H15 A1A88 E . -8.23 -4.48 19.19
H16 A1A88 E . -10.35 -2.74 19.84
H11 A1A88 E . 0.95 -7.56 22.32
H8 A1A88 E . -4.38 -5.88 23.26
H13 A1A88 E . -5.48 -4.75 18.32
H17 A1A88 E . -9.51 -0.47 19.76
#